data_3NDH
#
_entry.id   3NDH
#
_cell.length_a   39.310
_cell.length_b   72.910
_cell.length_c   88.760
_cell.angle_alpha   90.00
_cell.angle_beta   101.99
_cell.angle_gamma   90.00
#
_symmetry.space_group_name_H-M   'P 1 21 1'
#
loop_
_entity.id
_entity.type
_entity.pdbx_description
1 polymer 'restriction endonuclease THAI'
2 polymer "DNA (5'-D(*G*GP*TP*AP*CP*GP*CP*GP*AP*TP*G)-3')"
3 polymer "DNA (5'-D(*C*CP*AP*TP*CP*GP*CP*GP*TP*AP*C)-3')"
4 non-polymer 'SODIUM ION'
5 non-polymer 'CHLORIDE ION'
6 non-polymer 'TRIETHYLENE GLYCOL'
7 non-polymer 'ACETATE ION'
8 non-polymer 'SULFATE ION'
9 water water
#
loop_
_entity_poly.entity_id
_entity_poly.type
_entity_poly.pdbx_seq_one_letter_code
_entity_poly.pdbx_strand_id
1 'polypeptide(L)'
;MGHHHHHHEFNIRDRMNDHLKDLFRDRLIIDKVQRRLPYMFQLAELESSRAGKVGMEVGSLRERIISSLLIYKFGEKNVE
TDLPITEPEIDVKLFGSPISIKTITGKEPAGVKLIWTVDATKARQFLETWHPRFDLILVHINWSSLGGVYYIPDYVQQRI
FDEIGKDKYIKLPKQGTNPRGVEISNEALKEIMTDEETMSIKIEWKKTNVQYNAFKRWVDLWSEG
;
A,B
2 'polydeoxyribonucleotide' (DG)(DG)(DT)(DA)(DC)(DG)(DC)(DG)(DA)(DT)(DG) C
3 'polydeoxyribonucleotide' (DC)(DC)(DA)(DT)(DC)(DG)(DC)(DG)(DT)(DA)(DC) D
#
# COMPACT_ATOMS: atom_id res chain seq x y z
N HIS A 5 -7.74 -29.35 6.76
CA HIS A 5 -8.05 -29.27 5.30
C HIS A 5 -6.86 -29.73 4.48
N HIS A 6 -7.02 -29.78 3.15
CA HIS A 6 -6.02 -30.40 2.28
C HIS A 6 -4.83 -29.53 1.94
N HIS A 7 -4.75 -28.33 2.49
CA HIS A 7 -3.56 -27.51 2.33
C HIS A 7 -2.80 -27.33 3.63
N HIS A 8 -3.11 -28.14 4.63
CA HIS A 8 -2.40 -28.11 5.91
C HIS A 8 -1.06 -28.82 5.78
N GLU A 9 -0.06 -28.34 6.51
CA GLU A 9 1.20 -29.06 6.61
C GLU A 9 0.90 -30.38 7.35
N PHE A 10 1.41 -31.50 6.86
CA PHE A 10 1.10 -32.76 7.57
C PHE A 10 1.81 -32.82 8.92
N ASP A 18 7.18 -22.59 22.62
CA ASP A 18 7.34 -21.42 21.74
C ASP A 18 7.04 -21.91 20.34
N HIS A 19 5.88 -21.50 19.84
CA HIS A 19 5.39 -21.96 18.55
C HIS A 19 6.28 -21.47 17.42
N LEU A 20 6.80 -20.25 17.55
CA LEU A 20 7.68 -19.71 16.52
C LEU A 20 9.01 -20.46 16.46
N LYS A 21 9.53 -20.89 17.62
N LYS A 21 9.52 -20.90 17.61
CA LYS A 21 10.69 -21.75 17.64
CA LYS A 21 10.71 -21.73 17.60
C LYS A 21 10.42 -23.02 16.83
C LYS A 21 10.45 -23.05 16.87
N ASP A 22 9.26 -23.63 17.08
CA ASP A 22 8.86 -24.86 16.38
C ASP A 22 8.79 -24.63 14.87
N LEU A 23 8.26 -23.48 14.47
CA LEU A 23 8.18 -23.13 13.06
C LEU A 23 9.58 -23.06 12.44
N PHE A 24 10.48 -22.37 13.12
CA PHE A 24 11.82 -22.13 12.59
C PHE A 24 12.73 -23.35 12.57
N ARG A 25 12.39 -24.38 13.33
N ARG A 25 12.40 -24.38 13.34
CA ARG A 25 13.18 -25.61 13.41
CA ARG A 25 13.22 -25.59 13.35
C ARG A 25 12.58 -26.74 12.57
C ARG A 25 12.53 -26.78 12.65
N ASP A 26 11.37 -26.53 12.04
CA ASP A 26 10.66 -27.53 11.25
C ASP A 26 11.39 -27.67 9.90
N ARG A 27 11.91 -28.87 9.63
N ARG A 27 11.95 -28.85 9.63
CA ARG A 27 12.72 -29.11 8.44
CA ARG A 27 12.75 -29.07 8.43
C ARG A 27 11.97 -28.86 7.14
C ARG A 27 11.97 -28.86 7.12
N LEU A 28 10.69 -29.22 7.12
CA LEU A 28 9.86 -28.99 5.93
C LEU A 28 9.62 -27.49 5.70
N ILE A 29 9.34 -26.77 6.78
CA ILE A 29 9.22 -25.31 6.70
C ILE A 29 10.52 -24.67 6.19
N ILE A 30 11.64 -25.09 6.76
CA ILE A 30 12.93 -24.56 6.32
C ILE A 30 13.10 -24.78 4.82
N ASP A 31 12.81 -25.99 4.34
N ASP A 31 12.81 -26.00 4.37
CA ASP A 31 13.00 -26.32 2.93
CA ASP A 31 12.93 -26.40 2.98
C ASP A 31 12.04 -25.54 2.03
C ASP A 31 12.05 -25.52 2.08
N LYS A 32 10.79 -25.39 2.48
CA LYS A 32 9.82 -24.64 1.69
C LYS A 32 10.16 -23.16 1.62
N VAL A 33 10.58 -22.57 2.74
CA VAL A 33 10.96 -21.17 2.78
C VAL A 33 12.18 -20.93 1.88
N GLN A 34 13.19 -21.77 2.03
CA GLN A 34 14.40 -21.61 1.25
C GLN A 34 14.14 -21.76 -0.24
N ARG A 35 13.29 -22.71 -0.60
N ARG A 35 13.28 -22.71 -0.58
CA ARG A 35 13.01 -22.96 -2.01
CA ARG A 35 12.98 -23.01 -1.98
C ARG A 35 11.99 -22.00 -2.63
C ARG A 35 11.99 -22.03 -2.61
N ARG A 36 11.00 -21.57 -1.85
CA ARG A 36 9.85 -20.85 -2.42
C ARG A 36 9.58 -19.43 -1.93
N LEU A 37 10.13 -19.00 -0.80
CA LEU A 37 9.83 -17.64 -0.37
C LEU A 37 10.25 -16.60 -1.42
N PRO A 38 11.42 -16.76 -2.07
CA PRO A 38 11.73 -15.78 -3.13
C PRO A 38 10.66 -15.70 -4.23
N TYR A 39 10.20 -16.84 -4.74
CA TYR A 39 9.14 -16.87 -5.74
C TYR A 39 7.88 -16.13 -5.29
N MET A 40 7.42 -16.46 -4.08
N MET A 40 7.42 -16.46 -4.09
CA MET A 40 6.21 -15.82 -3.55
CA MET A 40 6.20 -15.84 -3.55
C MET A 40 6.40 -14.31 -3.40
C MET A 40 6.40 -14.32 -3.38
N PHE A 41 7.56 -13.91 -2.89
CA PHE A 41 7.86 -12.49 -2.76
C PHE A 41 8.01 -11.80 -4.12
N GLN A 42 8.44 -12.54 -5.13
N GLN A 42 8.46 -12.54 -5.13
CA GLN A 42 8.49 -11.98 -6.46
CA GLN A 42 8.46 -12.02 -6.49
C GLN A 42 7.08 -11.74 -7.01
C GLN A 42 7.04 -11.71 -6.95
N LEU A 43 6.16 -12.67 -6.76
CA LEU A 43 4.74 -12.47 -7.13
C LEU A 43 4.21 -11.25 -6.40
N ALA A 44 4.53 -11.09 -5.12
CA ALA A 44 4.08 -9.90 -4.39
C ALA A 44 4.57 -8.61 -5.04
N GLU A 45 5.84 -8.58 -5.41
N GLU A 45 5.84 -8.59 -5.42
CA GLU A 45 6.37 -7.35 -6.03
CA GLU A 45 6.41 -7.40 -6.07
C GLU A 45 5.77 -7.08 -7.41
C GLU A 45 5.75 -7.10 -7.41
N LEU A 46 5.54 -8.15 -8.19
CA LEU A 46 4.92 -8.01 -9.50
C LEU A 46 3.50 -7.43 -9.41
N GLU A 47 2.85 -7.61 -8.29
CA GLU A 47 1.51 -7.11 -8.05
C GLU A 47 1.49 -5.78 -7.28
N SER A 48 2.65 -5.22 -6.98
CA SER A 48 2.75 -4.05 -6.13
C SER A 48 3.72 -3.02 -6.69
N SER A 49 3.81 -2.94 -8.02
N SER A 49 3.80 -2.93 -8.02
CA SER A 49 4.77 -2.08 -8.67
CA SER A 49 4.78 -2.08 -8.68
C SER A 49 4.11 -1.17 -9.71
C SER A 49 4.15 -1.24 -9.78
N ARG A 50 4.90 -0.27 -10.28
CA ARG A 50 4.51 0.46 -11.46
C ARG A 50 5.80 0.84 -12.13
N ALA A 51 5.87 0.64 -13.45
CA ALA A 51 7.11 0.84 -14.22
C ALA A 51 8.29 0.07 -13.61
N GLY A 52 8.02 -1.11 -13.06
CA GLY A 52 9.06 -1.96 -12.49
C GLY A 52 9.64 -1.49 -11.18
N LYS A 53 9.04 -0.45 -10.58
N LYS A 53 9.05 -0.46 -10.58
CA LYS A 53 9.46 0.05 -9.29
CA LYS A 53 9.47 0.05 -9.29
C LYS A 53 8.47 -0.39 -8.24
C LYS A 53 8.47 -0.39 -8.24
N VAL A 54 8.98 -0.89 -7.12
CA VAL A 54 8.15 -1.50 -6.11
C VAL A 54 7.60 -0.46 -5.11
N GLY A 55 6.30 -0.51 -4.87
CA GLY A 55 5.66 0.37 -3.90
C GLY A 55 5.80 -0.17 -2.48
N MET A 56 5.74 0.75 -1.53
CA MET A 56 5.78 0.43 -0.11
C MET A 56 4.71 -0.58 0.26
N GLU A 57 3.58 -0.53 -0.44
CA GLU A 57 2.46 -1.40 -0.16
C GLU A 57 2.79 -2.88 -0.43
N VAL A 58 3.90 -3.17 -1.08
CA VAL A 58 4.36 -4.57 -1.18
C VAL A 58 4.44 -5.22 0.18
N GLY A 59 4.76 -4.44 1.21
CA GLY A 59 4.87 -4.98 2.55
C GLY A 59 3.58 -5.60 3.04
N SER A 60 2.46 -5.02 2.64
CA SER A 60 1.18 -5.52 3.09
C SER A 60 0.88 -6.88 2.48
N LEU A 61 1.29 -7.06 1.22
CA LEU A 61 1.12 -8.33 0.56
C LEU A 61 2.13 -9.40 1.05
N ARG A 62 3.39 -9.01 1.25
CA ARG A 62 4.37 -9.93 1.85
C ARG A 62 3.89 -10.41 3.21
N GLU A 63 3.25 -9.53 3.98
CA GLU A 63 2.72 -9.90 5.30
C GLU A 63 1.69 -11.01 5.17
N ARG A 64 0.82 -10.91 4.17
CA ARG A 64 -0.16 -11.98 3.91
C ARG A 64 0.52 -13.33 3.70
N ILE A 65 1.61 -13.31 2.96
CA ILE A 65 2.37 -14.51 2.64
C ILE A 65 2.95 -15.12 3.93
N ILE A 66 3.48 -14.27 4.81
CA ILE A 66 4.05 -14.78 6.06
C ILE A 66 2.95 -15.28 6.99
N SER A 67 1.85 -14.54 7.11
CA SER A 67 0.73 -15.05 7.91
C SER A 67 0.22 -16.40 7.39
N SER A 68 0.22 -16.55 6.07
CA SER A 68 -0.21 -17.79 5.43
C SER A 68 0.73 -18.95 5.72
N LEU A 69 2.02 -18.68 5.90
CA LEU A 69 2.95 -19.71 6.36
C LEU A 69 2.54 -20.22 7.74
N LEU A 70 2.16 -19.31 8.62
CA LEU A 70 1.70 -19.70 9.95
C LEU A 70 0.43 -20.53 9.85
N ILE A 71 -0.51 -20.11 9.01
CA ILE A 71 -1.74 -20.91 8.81
C ILE A 71 -1.41 -22.31 8.28
N TYR A 72 -0.50 -22.36 7.31
CA TYR A 72 -0.06 -23.63 6.74
C TYR A 72 0.42 -24.60 7.83
N LYS A 73 1.31 -24.17 8.72
CA LYS A 73 1.82 -25.03 9.75
C LYS A 73 0.83 -25.29 10.87
N PHE A 74 0.18 -24.25 11.39
CA PHE A 74 -0.54 -24.37 12.66
C PHE A 74 -2.05 -24.54 12.54
N GLY A 75 -2.59 -24.28 11.35
CA GLY A 75 -4.03 -24.36 11.10
C GLY A 75 -4.73 -23.02 11.26
N GLU A 76 -5.77 -22.80 10.45
N GLU A 76 -5.76 -22.79 10.45
CA GLU A 76 -6.53 -21.54 10.51
CA GLU A 76 -6.44 -21.51 10.47
C GLU A 76 -7.13 -21.28 11.89
C GLU A 76 -7.14 -21.25 11.82
N LYS A 77 -7.55 -22.34 12.58
N LYS A 77 -7.52 -22.29 12.55
CA LYS A 77 -8.12 -22.17 13.91
CA LYS A 77 -8.14 -22.09 13.86
C LYS A 77 -7.15 -21.52 14.91
C LYS A 77 -7.15 -21.62 14.95
N ASN A 78 -5.85 -21.63 14.66
CA ASN A 78 -4.83 -21.18 15.61
C ASN A 78 -4.09 -19.91 15.21
N VAL A 79 -4.49 -19.33 14.09
CA VAL A 79 -3.89 -18.10 13.59
C VAL A 79 -5.01 -17.09 13.44
N GLU A 80 -4.90 -15.97 14.14
N GLU A 80 -4.87 -15.97 14.13
CA GLU A 80 -5.91 -14.94 14.06
CA GLU A 80 -5.83 -14.87 14.11
C GLU A 80 -5.41 -13.82 13.16
C GLU A 80 -5.33 -13.83 13.11
N THR A 81 -6.00 -13.71 11.98
CA THR A 81 -5.63 -12.72 10.97
C THR A 81 -6.58 -11.53 10.96
N ASP A 82 -7.62 -11.58 11.79
CA ASP A 82 -8.68 -10.59 11.79
C ASP A 82 -8.37 -9.34 12.63
N LEU A 83 -7.22 -8.74 12.35
CA LEU A 83 -6.78 -7.52 13.01
C LEU A 83 -7.00 -6.37 12.02
N PRO A 84 -7.56 -5.23 12.48
CA PRO A 84 -7.78 -4.10 11.58
C PRO A 84 -6.48 -3.69 10.92
N ILE A 85 -6.55 -3.28 9.66
CA ILE A 85 -5.36 -3.05 8.87
C ILE A 85 -4.52 -1.88 9.41
N THR A 86 -5.13 -0.97 10.16
CA THR A 86 -4.37 0.17 10.73
C THR A 86 -3.93 -0.06 12.20
N GLU A 87 -4.07 -1.27 12.71
N GLU A 87 -4.05 -1.28 12.71
CA GLU A 87 -3.58 -1.62 14.05
CA GLU A 87 -3.51 -1.66 14.02
C GLU A 87 -2.07 -1.36 14.14
C GLU A 87 -2.04 -1.27 14.11
N PRO A 88 -1.63 -0.59 15.16
N PRO A 88 -1.63 -0.56 15.18
CA PRO A 88 -0.20 -0.42 15.39
CA PRO A 88 -0.19 -0.44 15.33
C PRO A 88 0.54 -1.71 15.73
C PRO A 88 0.50 -1.76 15.66
N GLU A 89 1.62 -1.97 15.01
CA GLU A 89 2.57 -3.08 15.29
C GLU A 89 2.12 -4.50 15.00
N ILE A 90 1.03 -4.90 15.64
CA ILE A 90 0.58 -6.27 15.60
C ILE A 90 -0.08 -6.55 14.25
N ASP A 91 0.40 -7.57 13.56
CA ASP A 91 -0.13 -7.96 12.27
C ASP A 91 -0.95 -9.23 12.28
N VAL A 92 -0.69 -10.11 13.24
CA VAL A 92 -1.27 -11.44 13.28
C VAL A 92 -1.07 -11.96 14.69
N LYS A 93 -1.92 -12.89 15.12
CA LYS A 93 -1.71 -13.58 16.37
C LYS A 93 -1.64 -15.06 16.11
N LEU A 94 -0.82 -15.73 16.91
CA LEU A 94 -0.57 -17.15 16.81
C LEU A 94 -0.86 -17.76 18.17
N PHE A 95 -1.88 -18.63 18.24
CA PHE A 95 -2.40 -19.13 19.50
C PHE A 95 -2.63 -17.97 20.47
N GLY A 96 -3.13 -16.86 19.95
CA GLY A 96 -3.46 -15.67 20.74
C GLY A 96 -2.31 -14.72 21.02
N SER A 97 -1.10 -15.11 20.63
CA SER A 97 0.10 -14.31 20.93
C SER A 97 0.43 -13.38 19.75
N PRO A 98 0.58 -12.07 20.00
N PRO A 98 0.47 -12.05 19.98
CA PRO A 98 0.76 -11.12 18.92
CA PRO A 98 0.78 -11.10 18.92
C PRO A 98 2.14 -11.19 18.24
C PRO A 98 2.11 -11.32 18.22
N ILE A 99 2.15 -10.99 16.93
CA ILE A 99 3.37 -10.99 16.13
C ILE A 99 3.37 -9.75 15.23
N SER A 100 4.52 -9.07 15.21
CA SER A 100 4.83 -8.02 14.26
C SER A 100 5.62 -8.64 13.12
N ILE A 101 5.23 -8.35 11.89
CA ILE A 101 5.96 -8.78 10.70
C ILE A 101 6.55 -7.55 10.02
N LYS A 102 7.83 -7.63 9.66
CA LYS A 102 8.47 -6.54 8.92
C LYS A 102 9.32 -7.09 7.81
N THR A 103 9.31 -6.39 6.68
CA THR A 103 10.09 -6.78 5.53
C THR A 103 10.93 -5.59 5.07
N ILE A 104 12.13 -5.91 4.56
CA ILE A 104 13.09 -4.88 4.21
C ILE A 104 14.07 -5.43 3.18
N THR A 105 14.33 -4.63 2.15
CA THR A 105 15.27 -5.00 1.10
C THR A 105 16.58 -4.25 1.24
N GLY A 106 17.69 -4.95 1.05
CA GLY A 106 19.00 -4.31 1.06
C GLY A 106 20.07 -5.28 1.42
N LYS A 107 21.34 -4.88 1.21
N LYS A 107 21.33 -4.88 1.22
CA LYS A 107 22.50 -5.71 1.58
CA LYS A 107 22.48 -5.70 1.58
C LYS A 107 22.45 -6.04 3.07
C LYS A 107 22.44 -6.04 3.07
N GLU A 108 22.17 -5.03 3.87
N GLU A 108 22.16 -5.02 3.87
CA GLU A 108 21.73 -5.26 5.25
CA GLU A 108 21.74 -5.24 5.26
C GLU A 108 20.50 -4.40 5.52
C GLU A 108 20.50 -4.40 5.52
N PRO A 109 19.62 -4.86 6.43
CA PRO A 109 18.45 -4.06 6.79
C PRO A 109 18.85 -2.69 7.33
N ALA A 110 18.15 -1.67 6.88
CA ALA A 110 18.40 -0.30 7.32
C ALA A 110 17.12 0.48 7.29
N GLY A 111 17.00 1.46 8.19
CA GLY A 111 15.86 2.40 8.23
C GLY A 111 14.46 1.81 8.47
N VAL A 112 14.36 0.68 9.18
CA VAL A 112 13.09 -0.06 9.40
C VAL A 112 12.20 0.73 10.37
N LYS A 113 10.91 0.89 10.06
CA LYS A 113 10.03 1.74 10.87
C LYS A 113 9.39 1.02 12.04
N LEU A 114 9.28 1.74 13.16
CA LEU A 114 8.53 1.31 14.33
C LEU A 114 7.11 1.86 14.36
N ILE A 115 6.90 3.04 13.77
CA ILE A 115 5.58 3.65 13.60
C ILE A 115 5.67 4.60 12.40
N TRP A 116 4.59 4.74 11.64
CA TRP A 116 4.61 5.49 10.38
C TRP A 116 4.20 6.96 10.57
N THR A 117 4.67 7.52 11.69
CA THR A 117 4.39 8.87 12.10
C THR A 117 5.56 9.79 11.80
N VAL A 118 5.30 10.89 11.10
CA VAL A 118 6.30 11.89 10.76
C VAL A 118 6.16 13.19 11.56
N ASP A 119 4.93 13.52 11.98
CA ASP A 119 4.72 14.70 12.80
C ASP A 119 5.73 14.74 13.94
N ALA A 120 6.41 15.87 14.10
CA ALA A 120 7.54 15.96 15.03
C ALA A 120 7.09 15.73 16.47
N THR A 121 5.99 16.36 16.85
CA THR A 121 5.47 16.26 18.22
C THR A 121 5.06 14.82 18.54
N LYS A 122 4.26 14.23 17.65
CA LYS A 122 3.82 12.84 17.85
C LYS A 122 5.00 11.85 17.82
N ALA A 123 5.98 12.08 16.95
CA ALA A 123 7.18 11.24 16.92
C ALA A 123 7.96 11.27 18.24
N ARG A 124 8.11 12.45 18.82
N ARG A 124 8.11 12.45 18.82
CA ARG A 124 8.81 12.58 20.10
CA ARG A 124 8.77 12.60 20.13
C ARG A 124 8.00 11.93 21.23
C ARG A 124 7.97 11.84 21.19
N GLN A 125 6.67 12.01 21.15
N GLN A 125 6.66 12.03 21.20
CA GLN A 125 5.80 11.32 22.09
CA GLN A 125 5.78 11.31 22.12
C GLN A 125 6.01 9.81 22.04
C GLN A 125 6.02 9.80 22.04
N PHE A 126 6.14 9.27 20.83
CA PHE A 126 6.45 7.85 20.64
C PHE A 126 7.80 7.50 21.28
N LEU A 127 8.84 8.26 20.97
CA LEU A 127 10.17 8.05 21.54
C LEU A 127 10.11 7.95 23.06
N GLU A 128 9.31 8.82 23.66
CA GLU A 128 9.26 8.91 25.12
C GLU A 128 8.38 7.84 25.79
N THR A 129 7.58 7.11 25.02
CA THR A 129 6.63 6.14 25.59
C THR A 129 6.78 4.68 25.13
N TRP A 130 7.22 4.46 23.90
CA TRP A 130 7.27 3.13 23.34
C TRP A 130 8.39 2.27 23.94
N HIS A 131 8.11 0.97 24.10
CA HIS A 131 9.16 -0.01 24.26
C HIS A 131 8.74 -1.27 23.52
N PRO A 132 9.70 -2.15 23.21
CA PRO A 132 9.31 -3.39 22.52
C PRO A 132 8.42 -4.30 23.35
N ARG A 133 7.36 -4.81 22.72
N ARG A 133 7.35 -4.80 22.72
CA ARG A 133 6.43 -5.72 23.39
CA ARG A 133 6.39 -5.73 23.35
C ARG A 133 6.16 -7.02 22.64
C ARG A 133 6.24 -7.05 22.64
N PHE A 134 6.35 -7.04 21.32
CA PHE A 134 5.88 -8.14 20.50
C PHE A 134 6.98 -8.89 19.76
N ASP A 135 6.84 -10.21 19.71
CA ASP A 135 7.66 -11.07 18.85
C ASP A 135 7.65 -10.52 17.43
N LEU A 136 8.82 -10.55 16.80
CA LEU A 136 9.02 -9.99 15.48
C LEU A 136 9.49 -11.09 14.51
N ILE A 137 8.82 -11.15 13.36
CA ILE A 137 9.30 -11.91 12.20
C ILE A 137 9.78 -10.86 11.19
N LEU A 138 11.10 -10.83 10.97
CA LEU A 138 11.76 -9.89 10.07
C LEU A 138 12.27 -10.63 8.86
N VAL A 139 11.83 -10.22 7.67
CA VAL A 139 12.34 -10.79 6.43
C VAL A 139 13.31 -9.82 5.78
N HIS A 140 14.57 -10.24 5.71
CA HIS A 140 15.61 -9.48 5.05
C HIS A 140 15.78 -10.02 3.64
N ILE A 141 15.34 -9.20 2.69
CA ILE A 141 15.33 -9.52 1.28
C ILE A 141 16.58 -8.93 0.66
N ASN A 142 17.25 -9.71 -0.17
CA ASN A 142 18.51 -9.30 -0.78
C ASN A 142 18.61 -9.99 -2.13
N TRP A 143 17.93 -9.44 -3.15
CA TRP A 143 17.76 -10.14 -4.43
C TRP A 143 19.10 -10.47 -5.05
N SER A 144 19.21 -11.71 -5.53
CA SER A 144 20.42 -12.25 -6.15
C SER A 144 21.56 -12.45 -5.17
N SER A 145 21.25 -12.43 -3.88
CA SER A 145 22.23 -12.65 -2.85
C SER A 145 21.58 -13.29 -1.60
N LEU A 146 22.27 -13.20 -0.47
CA LEU A 146 21.88 -13.88 0.72
C LEU A 146 21.15 -12.95 1.67
N GLY A 147 19.99 -13.40 2.12
CA GLY A 147 19.30 -12.74 3.22
C GLY A 147 18.73 -13.80 4.14
N GLY A 148 17.55 -13.54 4.70
CA GLY A 148 16.97 -14.51 5.64
C GLY A 148 15.70 -14.02 6.26
N VAL A 149 15.04 -14.95 6.94
CA VAL A 149 13.91 -14.61 7.76
C VAL A 149 14.31 -14.87 9.19
N TYR A 150 13.97 -13.92 10.06
CA TYR A 150 14.41 -13.91 11.45
C TYR A 150 13.22 -13.89 12.38
N TYR A 151 13.30 -14.74 13.42
CA TYR A 151 12.39 -14.69 14.55
C TYR A 151 13.16 -14.03 15.71
N ILE A 152 12.73 -12.83 16.06
CA ILE A 152 13.37 -12.03 17.08
C ILE A 152 12.39 -11.92 18.25
N PRO A 153 12.58 -12.74 19.29
CA PRO A 153 11.68 -12.71 20.43
C PRO A 153 11.54 -11.33 21.06
N ASP A 154 10.37 -11.04 21.61
CA ASP A 154 10.16 -9.82 22.38
C ASP A 154 11.26 -9.60 23.45
N TYR A 155 11.69 -10.66 24.11
CA TYR A 155 12.69 -10.49 25.18
C TYR A 155 14.08 -10.11 24.65
N VAL A 156 14.39 -10.50 23.42
CA VAL A 156 15.63 -10.03 22.79
C VAL A 156 15.58 -8.52 22.53
N GLN A 157 14.48 -8.07 21.96
CA GLN A 157 14.29 -6.64 21.72
C GLN A 157 14.34 -5.85 23.01
N GLN A 158 13.68 -6.37 24.04
N GLN A 158 13.67 -6.35 24.03
CA GLN A 158 13.64 -5.70 25.34
CA GLN A 158 13.60 -5.61 25.29
C GLN A 158 15.04 -5.63 25.98
C GLN A 158 14.95 -5.58 25.99
N ARG A 159 15.80 -6.71 25.87
N ARG A 159 15.75 -6.62 25.86
CA ARG A 159 17.17 -6.73 26.37
CA ARG A 159 17.07 -6.60 26.49
C ARG A 159 17.96 -5.57 25.77
C ARG A 159 18.03 -5.62 25.78
N ILE A 160 18.01 -5.52 24.45
CA ILE A 160 18.78 -4.47 23.75
C ILE A 160 18.27 -3.05 24.12
N PHE A 161 16.96 -2.88 24.14
CA PHE A 161 16.33 -1.61 24.51
C PHE A 161 16.72 -1.18 25.92
N ASP A 162 16.69 -2.15 26.84
CA ASP A 162 17.09 -1.92 28.23
C ASP A 162 18.56 -1.51 28.32
N GLU A 163 19.41 -2.11 27.50
CA GLU A 163 20.85 -1.87 27.55
C GLU A 163 21.30 -0.55 26.96
N ILE A 164 20.69 -0.11 25.87
CA ILE A 164 21.16 1.06 25.16
C ILE A 164 20.25 2.28 25.36
N GLY A 165 19.00 2.03 25.77
CA GLY A 165 18.07 3.11 26.01
C GLY A 165 17.31 3.59 24.79
N LYS A 166 16.18 4.24 25.05
CA LYS A 166 15.29 4.76 23.98
C LYS A 166 15.99 5.69 23.00
N ASP A 167 16.90 6.52 23.49
CA ASP A 167 17.51 7.54 22.63
C ASP A 167 18.50 6.96 21.61
N LYS A 168 19.01 5.76 21.89
N LYS A 168 19.01 5.76 21.89
CA LYS A 168 19.88 5.05 20.96
CA LYS A 168 19.88 5.03 20.97
C LYS A 168 19.13 3.99 20.13
C LYS A 168 19.15 3.97 20.15
N TYR A 169 18.03 3.47 20.66
CA TYR A 169 17.24 2.43 19.98
C TYR A 169 16.31 3.01 18.91
N ILE A 170 15.78 4.20 19.18
CA ILE A 170 14.74 4.82 18.37
C ILE A 170 15.33 6.04 17.67
N LYS A 171 15.12 6.11 16.36
N LYS A 171 15.11 6.12 16.36
CA LYS A 171 15.58 7.24 15.54
CA LYS A 171 15.58 7.24 15.54
C LYS A 171 14.39 8.04 15.05
C LYS A 171 14.38 8.04 15.06
N LEU A 172 14.32 9.30 15.45
CA LEU A 172 13.23 10.20 15.04
C LEU A 172 13.32 10.57 13.57
N PRO A 173 12.17 10.88 12.95
N PRO A 173 12.17 10.83 12.92
CA PRO A 173 12.25 11.36 11.58
CA PRO A 173 12.18 11.36 11.56
C PRO A 173 13.05 12.66 11.50
C PRO A 173 12.95 12.67 11.48
N LYS A 174 13.88 12.79 10.47
N LYS A 174 13.87 12.77 10.53
CA LYS A 174 14.72 13.97 10.36
CA LYS A 174 14.71 13.95 10.46
C LYS A 174 13.90 15.15 9.88
C LYS A 174 13.93 15.15 9.90
N GLN A 175 13.86 16.21 10.69
CA GLN A 175 13.12 17.39 10.30
C GLN A 175 13.80 18.09 9.12
N GLY A 176 13.01 18.60 8.19
CA GLY A 176 13.53 19.28 7.01
C GLY A 176 13.83 18.32 5.88
N THR A 177 13.52 17.05 6.09
CA THR A 177 13.50 16.05 5.01
C THR A 177 12.08 15.54 4.87
N ASN A 178 11.84 14.66 3.90
CA ASN A 178 10.52 14.05 3.67
C ASN A 178 10.61 12.55 3.94
N PRO A 179 10.56 12.15 5.22
CA PRO A 179 10.66 10.73 5.59
C PRO A 179 9.29 10.08 5.74
N ARG A 180 9.25 8.84 6.21
CA ARG A 180 7.98 8.13 6.36
C ARG A 180 7.72 7.58 7.78
N GLY A 181 8.61 7.79 8.73
CA GLY A 181 8.29 7.40 10.10
C GLY A 181 9.42 7.43 11.08
N VAL A 182 9.16 6.87 12.25
CA VAL A 182 10.13 6.69 13.33
C VAL A 182 10.77 5.32 13.12
N GLU A 183 12.09 5.25 13.17
CA GLU A 183 12.82 4.04 12.83
C GLU A 183 13.48 3.41 14.05
N ILE A 184 13.76 2.11 13.95
CA ILE A 184 14.74 1.49 14.84
C ILE A 184 16.13 1.89 14.34
N SER A 185 17.04 2.20 15.25
CA SER A 185 18.38 2.57 14.81
C SER A 185 19.07 1.37 14.16
N ASN A 186 19.98 1.66 13.25
CA ASN A 186 20.64 0.58 12.55
C ASN A 186 21.48 -0.29 13.50
N GLU A 187 22.07 0.34 14.52
N GLU A 187 22.09 0.34 14.50
CA GLU A 187 22.81 -0.40 15.54
CA GLU A 187 22.79 -0.36 15.60
C GLU A 187 21.90 -1.30 16.39
C GLU A 187 21.87 -1.32 16.32
N ALA A 188 20.73 -0.80 16.79
CA ALA A 188 19.76 -1.61 17.52
C ALA A 188 19.27 -2.80 16.68
N LEU A 189 19.01 -2.54 15.41
CA LEU A 189 18.54 -3.58 14.50
C LEU A 189 19.58 -4.69 14.34
N LYS A 190 20.83 -4.31 14.13
N LYS A 190 20.84 -4.29 14.14
CA LYS A 190 21.89 -5.29 13.96
CA LYS A 190 21.92 -5.27 14.01
C LYS A 190 22.05 -6.12 15.24
C LYS A 190 21.99 -6.13 15.25
N GLU A 191 21.91 -5.47 16.40
CA GLU A 191 22.00 -6.17 17.68
C GLU A 191 20.84 -7.16 17.90
N ILE A 192 19.61 -6.76 17.60
CA ILE A 192 18.50 -7.71 17.77
C ILE A 192 18.54 -8.87 16.76
N MET A 193 19.04 -8.60 15.55
CA MET A 193 19.14 -9.66 14.53
C MET A 193 20.20 -10.72 14.83
N THR A 194 21.24 -10.30 15.53
CA THR A 194 22.40 -11.19 15.77
C THR A 194 22.49 -11.78 17.18
N ASP A 195 21.55 -11.42 18.05
CA ASP A 195 21.47 -12.03 19.38
C ASP A 195 21.43 -13.54 19.25
N GLU A 196 22.10 -14.25 20.17
N GLU A 196 22.09 -14.25 20.17
CA GLU A 196 22.14 -15.70 20.17
CA GLU A 196 22.14 -15.70 20.15
C GLU A 196 20.73 -16.31 20.21
C GLU A 196 20.75 -16.35 20.28
N GLU A 197 19.79 -15.64 20.88
CA GLU A 197 18.43 -16.17 21.04
C GLU A 197 17.53 -15.87 19.84
N THR A 198 18.02 -15.10 18.89
CA THR A 198 17.31 -14.91 17.62
C THR A 198 17.53 -16.11 16.72
N MET A 199 16.46 -16.52 16.05
CA MET A 199 16.50 -17.68 15.15
C MET A 199 16.32 -17.20 13.74
N SER A 200 16.88 -17.93 12.80
CA SER A 200 16.77 -17.54 11.40
C SER A 200 16.78 -18.71 10.46
N ILE A 201 16.24 -18.45 9.28
CA ILE A 201 16.36 -19.33 8.12
C ILE A 201 17.01 -18.47 7.05
N LYS A 202 18.23 -18.85 6.65
N LYS A 202 18.23 -18.84 6.66
CA LYS A 202 18.94 -18.13 5.60
CA LYS A 202 18.91 -18.07 5.62
C LYS A 202 18.28 -18.42 4.26
C LYS A 202 18.35 -18.43 4.24
N ILE A 203 18.28 -17.43 3.38
CA ILE A 203 17.60 -17.53 2.09
C ILE A 203 18.47 -16.93 0.98
N GLU A 204 18.65 -17.69 -0.10
N GLU A 204 18.66 -17.69 -0.10
CA GLU A 204 19.26 -17.16 -1.31
CA GLU A 204 19.25 -17.16 -1.33
C GLU A 204 18.12 -16.65 -2.20
C GLU A 204 18.11 -16.65 -2.20
N TRP A 205 18.06 -15.33 -2.38
CA TRP A 205 16.95 -14.69 -3.06
C TRP A 205 17.13 -14.73 -4.56
N LYS A 206 17.02 -15.93 -5.11
N LYS A 206 16.96 -15.92 -5.11
CA LYS A 206 17.18 -16.15 -6.56
CA LYS A 206 17.09 -16.08 -6.55
C LYS A 206 15.89 -15.77 -7.27
C LYS A 206 15.80 -15.76 -7.27
N LYS A 207 16.00 -14.95 -8.31
N LYS A 207 15.92 -14.93 -8.30
CA LYS A 207 14.81 -14.57 -9.08
CA LYS A 207 14.73 -14.56 -9.03
C LYS A 207 14.41 -15.66 -10.07
C LYS A 207 14.41 -15.59 -10.12
N THR A 208 13.10 -15.71 -10.37
CA THR A 208 12.53 -16.68 -11.28
C THR A 208 12.05 -15.91 -12.48
N ASN A 209 12.03 -16.58 -13.63
N ASN A 209 11.99 -16.58 -13.63
CA ASN A 209 11.48 -15.95 -14.80
CA ASN A 209 11.48 -15.94 -14.81
C ASN A 209 9.96 -16.11 -14.78
C ASN A 209 9.96 -15.97 -14.87
N VAL A 210 9.35 -15.19 -14.06
N VAL A 210 9.39 -14.78 -14.88
CA VAL A 210 7.91 -15.13 -13.97
CA VAL A 210 7.97 -14.59 -14.69
C VAL A 210 7.52 -13.71 -14.34
C VAL A 210 7.45 -13.57 -15.68
N GLN A 211 6.54 -13.60 -15.22
N GLN A 211 6.37 -13.92 -16.37
CA GLN A 211 6.11 -12.31 -15.70
CA GLN A 211 5.74 -12.94 -17.23
C GLN A 211 4.62 -12.15 -15.47
C GLN A 211 4.32 -12.62 -16.80
N TYR A 212 4.11 -11.00 -15.87
N TYR A 212 4.06 -11.33 -16.74
CA TYR A 212 2.79 -10.66 -15.43
CA TYR A 212 2.90 -10.84 -16.03
C TYR A 212 2.47 -9.20 -15.63
C TYR A 212 2.64 -9.39 -16.35
N ASN A 213 1.35 -8.98 -16.29
N ASN A 213 1.37 -9.02 -16.34
CA ASN A 213 0.91 -7.64 -16.59
CA ASN A 213 0.95 -7.66 -16.59
C ASN A 213 -0.24 -7.29 -15.64
C ASN A 213 -0.22 -7.33 -15.68
N ALA A 214 0.01 -6.32 -14.77
N ALA A 214 -0.03 -6.37 -14.77
CA ALA A 214 -0.95 -5.94 -13.74
CA ALA A 214 -1.03 -6.10 -13.74
C ALA A 214 -2.28 -5.45 -14.28
C ALA A 214 -2.28 -5.37 -14.23
N PHE A 215 -2.26 -4.84 -15.46
CA PHE A 215 -3.44 -4.18 -16.04
C PHE A 215 -4.34 -5.16 -16.77
N LYS A 216 -3.81 -6.30 -17.20
CA LYS A 216 -4.56 -7.19 -18.08
C LYS A 216 -5.90 -7.61 -17.49
N ARG A 217 -5.91 -7.99 -16.22
CA ARG A 217 -7.14 -8.43 -15.57
C ARG A 217 -8.25 -7.40 -15.71
N TRP A 218 -7.90 -6.14 -15.48
CA TRP A 218 -8.87 -5.08 -15.46
C TRP A 218 -9.27 -4.65 -16.86
N VAL A 219 -8.31 -4.58 -17.79
CA VAL A 219 -8.66 -4.26 -19.19
C VAL A 219 -9.64 -5.30 -19.71
N ASP A 220 -9.38 -6.56 -19.36
CA ASP A 220 -10.27 -7.68 -19.76
C ASP A 220 -11.66 -7.52 -19.13
N LEU A 221 -11.75 -7.13 -17.87
CA LEU A 221 -13.05 -6.89 -17.26
C LEU A 221 -13.80 -5.72 -17.90
N TRP A 222 -13.09 -4.70 -18.38
CA TRP A 222 -13.72 -3.63 -19.16
C TRP A 222 -14.21 -4.13 -20.51
N SER A 223 -13.41 -4.95 -21.16
CA SER A 223 -13.65 -5.33 -22.54
C SER A 223 -14.71 -6.38 -22.71
N GLU A 224 -14.78 -7.32 -21.78
N GLU A 224 -14.79 -7.31 -21.76
CA GLU A 224 -15.65 -8.48 -21.99
CA GLU A 224 -15.68 -8.45 -21.91
C GLU A 224 -17.13 -8.10 -22.02
C GLU A 224 -17.13 -8.03 -22.07
N GLY A 225 -17.90 -8.81 -22.83
CA GLY A 225 -19.32 -8.61 -22.95
C GLY A 225 -19.71 -7.24 -23.43
N ASP B 18 -6.16 15.90 -24.81
N ASP B 18 -8.86 17.40 -26.69
CA ASP B 18 -5.91 14.47 -24.47
CA ASP B 18 -9.12 16.91 -25.32
C ASP B 18 -7.17 13.62 -24.69
C ASP B 18 -9.79 15.55 -25.38
N HIS B 19 -8.22 14.26 -25.18
N HIS B 19 -9.00 14.50 -25.43
CA HIS B 19 -9.45 13.58 -25.59
CA HIS B 19 -9.60 13.23 -25.64
C HIS B 19 -10.26 12.91 -24.45
C HIS B 19 -10.24 12.68 -24.38
N LEU B 20 -9.91 13.20 -23.20
CA LEU B 20 -10.61 12.71 -22.00
C LEU B 20 -12.10 13.05 -22.05
N LYS B 21 -12.45 14.21 -22.60
N LYS B 21 -12.44 14.21 -22.61
CA LYS B 21 -13.86 14.57 -22.79
CA LYS B 21 -13.85 14.58 -22.81
C LYS B 21 -14.65 13.48 -23.52
C LYS B 21 -14.64 13.48 -23.51
N ASP B 22 -14.00 12.75 -24.43
CA ASP B 22 -14.66 11.62 -25.15
C ASP B 22 -15.22 10.57 -24.21
N LEU B 23 -14.46 10.23 -23.17
CA LEU B 23 -14.88 9.23 -22.18
C LEU B 23 -16.14 9.68 -21.44
N PHE B 24 -16.27 10.99 -21.26
CA PHE B 24 -17.35 11.56 -20.51
C PHE B 24 -18.56 11.94 -21.37
N ARG B 25 -18.44 11.71 -22.68
N ARG B 25 -18.44 11.71 -22.68
CA ARG B 25 -19.51 12.00 -23.63
CA ARG B 25 -19.50 12.00 -23.64
C ARG B 25 -19.98 10.79 -24.45
C ARG B 25 -20.00 10.79 -24.43
N ASP B 26 -19.30 9.66 -24.34
CA ASP B 26 -19.64 8.44 -25.10
C ASP B 26 -20.61 7.61 -24.24
N ARG B 27 -21.88 7.66 -24.63
N ARG B 27 -21.88 7.66 -24.64
CA ARG B 27 -22.95 7.00 -23.92
CA ARG B 27 -22.97 7.00 -23.93
C ARG B 27 -22.68 5.52 -23.66
C ARG B 27 -22.70 5.52 -23.67
N LEU B 28 -22.06 4.82 -24.61
CA LEU B 28 -21.87 3.38 -24.45
C LEU B 28 -20.81 3.07 -23.41
N ILE B 29 -19.67 3.77 -23.43
CA ILE B 29 -18.66 3.56 -22.40
C ILE B 29 -19.18 4.02 -21.04
N ILE B 30 -19.93 5.11 -21.02
CA ILE B 30 -20.51 5.59 -19.75
C ILE B 30 -21.36 4.48 -19.10
N ASP B 31 -22.16 3.81 -19.91
N ASP B 31 -22.15 3.77 -19.89
CA ASP B 31 -23.00 2.72 -19.43
CA ASP B 31 -22.99 2.75 -19.31
C ASP B 31 -22.17 1.59 -18.80
C ASP B 31 -22.19 1.53 -18.79
N LYS B 32 -21.10 1.17 -19.47
CA LYS B 32 -20.20 0.14 -18.91
C LYS B 32 -19.55 0.61 -17.61
N VAL B 33 -19.13 1.87 -17.55
CA VAL B 33 -18.57 2.42 -16.31
C VAL B 33 -19.59 2.39 -15.16
N GLN B 34 -20.82 2.81 -15.43
CA GLN B 34 -21.86 2.81 -14.41
C GLN B 34 -22.21 1.40 -13.94
N ARG B 35 -22.17 0.43 -14.84
N ARG B 35 -22.18 0.44 -14.84
CA ARG B 35 -22.54 -0.95 -14.50
CA ARG B 35 -22.54 -0.95 -14.52
C ARG B 35 -21.41 -1.77 -13.85
C ARG B 35 -21.42 -1.77 -13.87
N ARG B 36 -20.16 -1.39 -14.12
CA ARG B 36 -19.01 -2.21 -13.70
C ARG B 36 -18.04 -1.58 -12.74
N LEU B 37 -17.99 -0.25 -12.66
CA LEU B 37 -17.04 0.38 -11.76
C LEU B 37 -17.23 -0.04 -10.29
N PRO B 38 -18.47 -0.06 -9.79
CA PRO B 38 -18.62 -0.50 -8.39
C PRO B 38 -18.07 -1.91 -8.11
N TYR B 39 -18.36 -2.87 -9.00
CA TYR B 39 -17.86 -4.22 -8.85
C TYR B 39 -16.35 -4.23 -8.76
N MET B 40 -15.69 -3.60 -9.73
CA MET B 40 -14.24 -3.60 -9.75
C MET B 40 -13.66 -2.93 -8.50
N PHE B 41 -14.26 -1.82 -8.08
CA PHE B 41 -13.79 -1.14 -6.87
C PHE B 41 -14.08 -1.95 -5.62
N GLN B 42 -15.14 -2.74 -5.63
CA GLN B 42 -15.36 -3.67 -4.51
C GLN B 42 -14.28 -4.77 -4.46
N LEU B 43 -13.90 -5.30 -5.60
CA LEU B 43 -12.80 -6.28 -5.64
C LEU B 43 -11.52 -5.63 -5.11
N ALA B 44 -11.27 -4.38 -5.50
CA ALA B 44 -10.08 -3.70 -5.04
C ALA B 44 -10.08 -3.60 -3.51
N GLU B 45 -11.23 -3.30 -2.94
CA GLU B 45 -11.30 -3.22 -1.48
C GLU B 45 -11.10 -4.58 -0.82
N LEU B 46 -11.72 -5.60 -1.38
CA LEU B 46 -11.58 -6.95 -0.85
C LEU B 46 -10.13 -7.42 -0.84
N GLU B 47 -9.34 -6.92 -1.78
CA GLU B 47 -7.95 -7.29 -1.93
C GLU B 47 -7.00 -6.34 -1.22
N SER B 48 -7.54 -5.30 -0.59
CA SER B 48 -6.77 -4.25 0.06
C SER B 48 -7.21 -4.00 1.49
N SER B 49 -7.63 -5.06 2.18
N SER B 49 -7.63 -5.05 2.20
CA SER B 49 -8.23 -4.94 3.51
CA SER B 49 -8.22 -4.89 3.53
C SER B 49 -7.59 -5.89 4.49
C SER B 49 -7.73 -5.95 4.47
N ARG B 50 -7.91 -5.70 5.77
CA ARG B 50 -7.64 -6.69 6.80
C ARG B 50 -8.69 -6.48 7.85
N ALA B 51 -9.27 -7.59 8.33
CA ALA B 51 -10.44 -7.56 9.20
C ALA B 51 -11.56 -6.68 8.64
N GLY B 52 -11.72 -6.69 7.32
CA GLY B 52 -12.78 -5.91 6.69
C GLY B 52 -12.60 -4.40 6.73
N LYS B 53 -11.40 -3.95 7.11
N LYS B 53 -11.40 -3.95 7.11
CA LYS B 53 -11.07 -2.53 7.11
CA LYS B 53 -11.07 -2.53 7.12
C LYS B 53 -10.13 -2.24 5.95
C LYS B 53 -10.14 -2.24 5.95
N VAL B 54 -10.43 -1.19 5.21
CA VAL B 54 -9.74 -0.92 3.96
C VAL B 54 -8.46 -0.12 4.22
N GLY B 55 -7.37 -0.56 3.59
CA GLY B 55 -6.09 0.14 3.69
C GLY B 55 -6.00 1.26 2.66
N MET B 56 -5.16 2.25 2.95
CA MET B 56 -4.90 3.35 2.02
C MET B 56 -4.40 2.85 0.65
N GLU B 57 -3.73 1.71 0.67
CA GLU B 57 -3.18 1.16 -0.58
C GLU B 57 -4.26 0.75 -1.56
N VAL B 58 -5.51 0.67 -1.12
CA VAL B 58 -6.60 0.43 -2.06
C VAL B 58 -6.55 1.45 -3.21
N GLY B 59 -6.06 2.66 -2.93
CA GLY B 59 -6.00 3.69 -3.96
C GLY B 59 -5.11 3.30 -5.12
N SER B 60 -4.05 2.57 -4.83
CA SER B 60 -3.12 2.17 -5.86
C SER B 60 -3.77 1.14 -6.79
N LEU B 61 -4.60 0.27 -6.22
CA LEU B 61 -5.31 -0.70 -7.03
C LEU B 61 -6.48 -0.07 -7.83
N ARG B 62 -7.22 0.83 -7.20
CA ARG B 62 -8.24 1.59 -7.92
C ARG B 62 -7.65 2.34 -9.09
N GLU B 63 -6.46 2.89 -8.90
CA GLU B 63 -5.79 3.61 -9.97
C GLU B 63 -5.56 2.71 -11.17
N ARG B 64 -5.11 1.51 -10.91
CA ARG B 64 -4.89 0.52 -11.96
C ARG B 64 -6.18 0.25 -12.73
N ILE B 65 -7.30 0.19 -12.04
CA ILE B 65 -8.59 -0.03 -12.67
C ILE B 65 -8.97 1.15 -13.59
N ILE B 66 -8.72 2.39 -13.16
CA ILE B 66 -9.02 3.56 -13.95
C ILE B 66 -8.05 3.63 -15.14
N SER B 67 -6.77 3.38 -14.93
CA SER B 67 -5.84 3.34 -16.05
C SER B 67 -6.25 2.30 -17.08
N SER B 68 -6.80 1.19 -16.62
CA SER B 68 -7.24 0.15 -17.51
C SER B 68 -8.47 0.56 -18.31
N LEU B 69 -9.35 1.31 -17.69
CA LEU B 69 -10.46 1.92 -18.41
C LEU B 69 -9.95 2.82 -19.55
N LEU B 70 -8.92 3.61 -19.26
CA LEU B 70 -8.30 4.45 -20.28
C LEU B 70 -7.67 3.64 -21.40
N ILE B 71 -6.97 2.55 -21.06
CA ILE B 71 -6.39 1.66 -22.05
C ILE B 71 -7.49 1.11 -22.95
N TYR B 72 -8.58 0.65 -22.34
CA TYR B 72 -9.72 0.15 -23.12
C TYR B 72 -10.32 1.22 -24.04
N LYS B 73 -10.63 2.39 -23.51
CA LYS B 73 -11.27 3.43 -24.29
C LYS B 73 -10.37 3.97 -25.39
N PHE B 74 -9.09 4.15 -25.11
CA PHE B 74 -8.22 4.94 -25.99
C PHE B 74 -7.11 4.19 -26.70
N GLY B 75 -6.85 2.96 -26.28
CA GLY B 75 -5.83 2.11 -26.87
C GLY B 75 -4.50 2.09 -26.13
N GLU B 76 -3.83 0.94 -26.11
N GLU B 76 -3.83 0.94 -26.13
CA GLU B 76 -2.51 0.79 -25.46
CA GLU B 76 -2.57 0.74 -25.44
C GLU B 76 -1.54 1.85 -25.92
C GLU B 76 -1.51 1.73 -25.93
N LYS B 77 -1.45 2.02 -27.24
N LYS B 77 -1.52 2.01 -27.24
CA LYS B 77 -0.50 2.94 -27.86
CA LYS B 77 -0.52 2.91 -27.83
C LYS B 77 -0.65 4.36 -27.33
C LYS B 77 -0.66 4.36 -27.37
N ASN B 78 -1.84 4.72 -26.86
CA ASN B 78 -2.14 6.09 -26.46
C ASN B 78 -2.16 6.30 -24.95
N VAL B 79 -1.93 5.25 -24.19
CA VAL B 79 -1.93 5.36 -22.73
C VAL B 79 -0.59 4.85 -22.20
N GLU B 80 0.18 5.74 -21.58
CA GLU B 80 1.46 5.40 -21.00
C GLU B 80 1.27 5.15 -19.51
N THR B 81 1.54 3.91 -19.10
CA THR B 81 1.41 3.50 -17.70
C THR B 81 2.76 3.30 -17.02
N ASP B 82 3.83 3.45 -17.78
CA ASP B 82 5.19 3.16 -17.32
C ASP B 82 5.78 4.34 -16.56
N LEU B 83 5.05 4.83 -15.57
CA LEU B 83 5.53 5.89 -14.69
C LEU B 83 5.95 5.26 -13.36
N PRO B 84 7.13 5.63 -12.84
N PRO B 84 7.08 5.69 -12.79
CA PRO B 84 7.54 5.11 -11.53
CA PRO B 84 7.52 5.07 -11.54
C PRO B 84 6.41 5.22 -10.51
C PRO B 84 6.45 5.23 -10.48
N ILE B 85 6.27 4.24 -9.61
CA ILE B 85 5.18 4.25 -8.65
C ILE B 85 5.26 5.42 -7.66
N THR B 86 6.47 5.94 -7.43
CA THR B 86 6.63 7.07 -6.51
C THR B 86 6.63 8.45 -7.21
N GLU B 87 6.26 8.48 -8.50
CA GLU B 87 6.16 9.76 -9.24
C GLU B 87 5.16 10.69 -8.55
N PRO B 88 5.51 11.98 -8.35
N PRO B 88 5.55 11.95 -8.22
CA PRO B 88 4.56 12.91 -7.75
CA PRO B 88 4.50 12.83 -7.70
C PRO B 88 3.42 13.28 -8.70
C PRO B 88 3.42 13.12 -8.72
N GLU B 89 2.18 13.09 -8.25
CA GLU B 89 0.96 13.56 -8.98
C GLU B 89 0.53 12.74 -10.17
N ILE B 90 1.42 12.58 -11.12
CA ILE B 90 1.08 11.99 -12.39
C ILE B 90 1.02 10.48 -12.22
N ASP B 91 -0.10 9.90 -12.64
CA ASP B 91 -0.27 8.48 -12.57
C ASP B 91 -0.23 7.77 -13.91
N VAL B 92 -0.57 8.47 -14.98
CA VAL B 92 -0.69 7.88 -16.29
C VAL B 92 -0.60 9.04 -17.26
N LYS B 93 -0.26 8.75 -18.51
CA LYS B 93 -0.33 9.77 -19.57
C LYS B 93 -1.26 9.30 -20.68
N LEU B 94 -2.02 10.25 -21.22
CA LEU B 94 -3.02 9.97 -22.24
C LEU B 94 -2.72 10.85 -23.44
N PHE B 95 -2.34 10.23 -24.55
CA PHE B 95 -1.87 10.97 -25.73
C PHE B 95 -0.78 11.96 -25.34
N GLY B 96 0.08 11.54 -24.43
CA GLY B 96 1.19 12.36 -23.97
C GLY B 96 0.90 13.30 -22.80
N SER B 97 -0.37 13.45 -22.46
N SER B 97 -0.38 13.47 -22.47
CA SER B 97 -0.78 14.42 -21.45
CA SER B 97 -0.80 14.43 -21.43
C SER B 97 -0.88 13.74 -20.09
C SER B 97 -0.87 13.73 -20.09
N PRO B 98 -0.18 14.28 -19.06
CA PRO B 98 -0.26 13.69 -17.73
C PRO B 98 -1.64 13.78 -17.10
N ILE B 99 -2.02 12.73 -16.39
CA ILE B 99 -3.28 12.70 -15.67
C ILE B 99 -2.99 12.27 -14.24
N SER B 100 -3.59 13.00 -13.30
N SER B 100 -3.56 13.02 -13.30
CA SER B 100 -3.62 12.64 -11.90
CA SER B 100 -3.60 12.63 -11.89
C SER B 100 -4.92 11.91 -11.59
C SER B 100 -4.92 11.89 -11.62
N ILE B 101 -4.86 10.75 -10.92
CA ILE B 101 -6.05 10.01 -10.55
C ILE B 101 -6.16 10.03 -9.03
N LYS B 102 -7.33 10.36 -8.51
CA LYS B 102 -7.52 10.33 -7.06
C LYS B 102 -8.85 9.71 -6.70
N THR B 103 -8.88 8.96 -5.60
CA THR B 103 -10.10 8.30 -5.15
C THR B 103 -10.34 8.66 -3.70
N ILE B 104 -11.62 8.73 -3.33
CA ILE B 104 -12.01 9.18 -2.00
C ILE B 104 -13.40 8.70 -1.67
N THR B 105 -13.56 8.20 -0.45
CA THR B 105 -14.82 7.67 0.03
C THR B 105 -15.46 8.62 1.03
N GLY B 106 -16.75 8.87 0.88
CA GLY B 106 -17.49 9.62 1.88
C GLY B 106 -18.76 10.15 1.28
N LYS B 107 -19.60 10.76 2.12
CA LYS B 107 -20.83 11.38 1.62
C LYS B 107 -20.48 12.53 0.64
N GLU B 108 -19.45 13.30 0.98
N GLU B 108 -19.46 13.31 0.98
CA GLU B 108 -18.79 14.19 0.02
CA GLU B 108 -18.80 14.20 0.02
C GLU B 108 -17.28 14.03 0.17
C GLU B 108 -17.28 14.03 0.17
N PRO B 109 -16.51 14.29 -0.90
CA PRO B 109 -15.06 14.22 -0.79
C PRO B 109 -14.51 15.21 0.24
N ALA B 110 -13.58 14.74 1.08
CA ALA B 110 -12.98 15.56 2.13
C ALA B 110 -11.55 15.13 2.41
N GLY B 111 -10.68 16.10 2.69
CA GLY B 111 -9.30 15.87 3.09
C GLY B 111 -8.40 15.18 2.06
N VAL B 112 -8.64 15.44 0.76
CA VAL B 112 -7.93 14.78 -0.37
C VAL B 112 -6.47 15.31 -0.46
N LYS B 113 -5.47 14.43 -0.62
CA LYS B 113 -4.05 14.90 -0.59
C LYS B 113 -3.52 15.35 -1.93
N LEU B 114 -2.72 16.42 -1.90
CA LEU B 114 -1.95 16.87 -3.06
C LEU B 114 -0.50 16.32 -3.07
N ILE B 115 0.04 16.07 -1.87
CA ILE B 115 1.35 15.43 -1.73
C ILE B 115 1.37 14.74 -0.37
N TRP B 116 2.08 13.63 -0.26
CA TRP B 116 2.03 12.76 0.93
C TRP B 116 3.14 13.09 1.94
N THR B 117 3.45 14.38 2.02
CA THR B 117 4.48 14.95 2.88
C THR B 117 3.87 15.54 4.13
N VAL B 118 4.35 15.09 5.28
CA VAL B 118 3.94 15.60 6.59
C VAL B 118 4.99 16.54 7.19
N ASP B 119 6.26 16.36 6.85
CA ASP B 119 7.32 17.23 7.36
C ASP B 119 6.89 18.70 7.25
N ALA B 120 7.02 19.46 8.34
CA ALA B 120 6.49 20.81 8.39
C ALA B 120 7.13 21.74 7.37
N THR B 121 8.47 21.70 7.28
CA THR B 121 9.18 22.58 6.36
C THR B 121 8.91 22.24 4.91
N LYS B 122 9.00 20.96 4.57
CA LYS B 122 8.77 20.56 3.20
C LYS B 122 7.32 20.83 2.79
N ALA B 123 6.39 20.67 3.73
CA ALA B 123 4.99 20.97 3.46
C ALA B 123 4.81 22.46 3.17
N ARG B 124 5.46 23.32 3.94
N ARG B 124 5.47 23.34 3.93
CA ARG B 124 5.43 24.78 3.69
CA ARG B 124 5.40 24.79 3.69
C ARG B 124 6.00 25.11 2.33
C ARG B 124 6.03 25.14 2.33
N GLN B 125 7.14 24.49 1.99
CA GLN B 125 7.74 24.67 0.67
C GLN B 125 6.81 24.33 -0.47
N PHE B 126 6.09 23.22 -0.33
CA PHE B 126 5.07 22.83 -1.28
C PHE B 126 4.01 23.94 -1.40
N LEU B 127 3.48 24.38 -0.27
CA LEU B 127 2.47 25.47 -0.23
C LEU B 127 2.94 26.70 -1.00
N GLU B 128 4.23 27.01 -0.87
CA GLU B 128 4.79 28.22 -1.47
C GLU B 128 5.10 28.12 -2.97
N THR B 129 5.17 26.90 -3.50
N THR B 129 5.18 26.89 -3.50
CA THR B 129 5.60 26.68 -4.89
CA THR B 129 5.60 26.67 -4.89
C THR B 129 4.60 25.94 -5.79
C THR B 129 4.58 25.96 -5.79
N TRP B 130 3.74 25.11 -5.22
CA TRP B 130 2.86 24.29 -6.03
C TRP B 130 1.69 25.06 -6.65
N HIS B 131 1.33 24.68 -7.87
CA HIS B 131 0.08 25.11 -8.47
C HIS B 131 -0.44 23.96 -9.31
N PRO B 132 -1.75 23.95 -9.61
CA PRO B 132 -2.27 22.87 -10.45
C PRO B 132 -1.72 22.86 -11.87
N ARG B 133 -1.34 21.68 -12.34
N ARG B 133 -1.34 21.67 -12.35
CA ARG B 133 -0.80 21.53 -13.69
CA ARG B 133 -0.79 21.52 -13.69
C ARG B 133 -1.47 20.47 -14.55
C ARG B 133 -1.47 20.47 -14.55
N PHE B 134 -2.10 19.47 -13.92
CA PHE B 134 -2.51 18.26 -14.62
C PHE B 134 -4.00 18.01 -14.51
N ASP B 135 -4.58 17.52 -15.62
CA ASP B 135 -5.93 17.02 -15.63
C ASP B 135 -6.09 16.01 -14.51
N LEU B 136 -7.25 16.06 -13.87
CA LEU B 136 -7.57 15.20 -12.71
C LEU B 136 -8.79 14.35 -13.01
N ILE B 137 -8.67 13.05 -12.75
CA ILE B 137 -9.82 12.16 -12.64
C ILE B 137 -10.01 11.86 -11.15
N LEU B 138 -11.12 12.35 -10.60
CA LEU B 138 -11.43 12.17 -9.19
C LEU B 138 -12.62 11.22 -9.07
N VAL B 139 -12.44 10.11 -8.37
CA VAL B 139 -13.53 9.16 -8.17
C VAL B 139 -14.05 9.30 -6.75
N HIS B 140 -15.30 9.77 -6.66
CA HIS B 140 -16.00 9.92 -5.40
C HIS B 140 -16.87 8.70 -5.11
N ILE B 141 -16.41 7.90 -4.15
CA ILE B 141 -17.04 6.63 -3.74
C ILE B 141 -17.96 6.89 -2.55
N ASN B 142 -19.17 6.36 -2.62
CA ASN B 142 -20.18 6.54 -1.60
C ASN B 142 -21.02 5.27 -1.61
N TRP B 143 -20.56 4.24 -0.90
CA TRP B 143 -21.18 2.92 -0.99
C TRP B 143 -22.64 2.96 -0.55
N SER B 144 -23.48 2.26 -1.31
CA SER B 144 -24.93 2.19 -1.12
C SER B 144 -25.62 3.52 -1.39
N SER B 145 -24.94 4.44 -2.06
CA SER B 145 -25.51 5.72 -2.42
C SER B 145 -24.86 6.26 -3.71
N LEU B 146 -24.99 7.56 -3.93
CA LEU B 146 -24.59 8.20 -5.17
C LEU B 146 -23.23 8.87 -5.02
N GLY B 147 -22.35 8.58 -5.98
CA GLY B 147 -21.13 9.36 -6.13
C GLY B 147 -20.88 9.61 -7.59
N GLY B 148 -19.63 9.61 -8.00
CA GLY B 148 -19.33 9.89 -9.40
C GLY B 148 -17.86 9.85 -9.74
N VAL B 149 -17.60 9.83 -11.04
CA VAL B 149 -16.29 10.00 -11.62
C VAL B 149 -16.26 11.40 -12.23
N TYR B 150 -15.31 12.20 -11.79
CA TYR B 150 -15.18 13.58 -12.24
C TYR B 150 -13.91 13.80 -13.06
N TYR B 151 -14.08 14.41 -14.23
CA TYR B 151 -12.98 14.92 -15.02
C TYR B 151 -12.88 16.42 -14.77
N ILE B 152 -11.83 16.80 -14.04
CA ILE B 152 -11.59 18.19 -13.65
C ILE B 152 -10.35 18.68 -14.40
N PRO B 153 -10.56 19.39 -15.51
CA PRO B 153 -9.45 19.87 -16.32
C PRO B 153 -8.46 20.71 -15.53
N ASP B 154 -7.21 20.70 -15.98
CA ASP B 154 -6.18 21.55 -15.39
C ASP B 154 -6.60 23.01 -15.32
N TYR B 155 -7.25 23.49 -16.37
CA TYR B 155 -7.68 24.88 -16.41
C TYR B 155 -8.76 25.23 -15.40
N VAL B 156 -9.60 24.27 -15.02
CA VAL B 156 -10.57 24.52 -13.96
C VAL B 156 -9.86 24.70 -12.61
N GLN B 157 -8.97 23.76 -12.30
CA GLN B 157 -8.18 23.82 -11.07
C GLN B 157 -7.37 25.13 -10.99
N GLN B 158 -6.71 25.47 -12.09
CA GLN B 158 -5.93 26.71 -12.17
C GLN B 158 -6.78 27.96 -11.95
N ARG B 159 -7.98 28.00 -12.54
CA ARG B 159 -8.86 29.17 -12.40
C ARG B 159 -9.27 29.36 -10.94
N ILE B 160 -9.62 28.26 -10.26
CA ILE B 160 -9.99 28.32 -8.85
C ILE B 160 -8.79 28.69 -7.98
N PHE B 161 -7.63 28.10 -8.26
CA PHE B 161 -6.39 28.45 -7.57
C PHE B 161 -6.03 29.94 -7.75
N ASP B 162 -6.20 30.45 -8.97
CA ASP B 162 -5.99 31.88 -9.23
C ASP B 162 -6.96 32.78 -8.47
N GLU B 163 -8.20 32.33 -8.33
CA GLU B 163 -9.25 33.15 -7.68
C GLU B 163 -9.10 33.18 -6.16
N ILE B 164 -8.80 32.04 -5.53
CA ILE B 164 -8.76 31.98 -4.06
C ILE B 164 -7.35 32.04 -3.45
N GLY B 165 -6.32 31.72 -4.23
CA GLY B 165 -4.94 31.76 -3.76
C GLY B 165 -4.47 30.52 -3.03
N LYS B 166 -3.16 30.34 -2.97
CA LYS B 166 -2.53 29.16 -2.35
C LYS B 166 -2.97 28.92 -0.90
N ASP B 167 -3.21 29.99 -0.14
CA ASP B 167 -3.46 29.84 1.28
C ASP B 167 -4.88 29.37 1.57
N LYS B 168 -5.79 29.56 0.61
CA LYS B 168 -7.15 29.03 0.71
C LYS B 168 -7.32 27.70 -0.03
N TYR B 169 -6.44 27.42 -0.99
CA TYR B 169 -6.51 26.19 -1.81
C TYR B 169 -5.80 25.01 -1.16
N ILE B 170 -4.69 25.30 -0.48
CA ILE B 170 -3.79 24.28 0.05
C ILE B 170 -3.89 24.26 1.57
N LYS B 171 -4.08 23.07 2.15
N LYS B 171 -4.08 23.09 2.15
CA LYS B 171 -4.19 22.91 3.59
CA LYS B 171 -4.19 22.97 3.59
C LYS B 171 -2.99 22.14 4.12
C LYS B 171 -3.03 22.14 4.15
N LEU B 172 -2.20 22.78 4.96
CA LEU B 172 -1.02 22.15 5.55
C LEU B 172 -1.38 21.10 6.60
N PRO B 173 -0.51 20.08 6.76
N PRO B 173 -0.52 20.08 6.76
CA PRO B 173 -0.75 19.11 7.83
CA PRO B 173 -0.67 19.10 7.84
C PRO B 173 -0.76 19.80 9.18
C PRO B 173 -0.71 19.79 9.20
N LYS B 174 -1.67 19.39 10.06
N LYS B 174 -1.66 19.42 10.04
CA LYS B 174 -1.82 20.06 11.34
CA LYS B 174 -1.82 20.07 11.34
C LYS B 174 -0.77 19.54 12.32
C LYS B 174 -0.77 19.53 12.31
N GLN B 175 0.09 20.44 12.79
CA GLN B 175 1.16 20.05 13.70
C GLN B 175 0.56 19.59 15.03
N GLY B 176 1.20 18.58 15.61
CA GLY B 176 0.73 17.95 16.84
C GLY B 176 -0.33 16.88 16.64
N THR B 177 -0.69 16.61 15.39
CA THR B 177 -1.56 15.51 15.05
C THR B 177 -0.72 14.57 14.21
N ASN B 178 -1.29 13.41 13.87
CA ASN B 178 -0.62 12.41 13.04
C ASN B 178 -1.34 12.26 11.71
N PRO B 179 -1.12 13.20 10.76
CA PRO B 179 -1.80 13.15 9.48
C PRO B 179 -0.96 12.41 8.42
N ARG B 180 -1.40 12.48 7.17
CA ARG B 180 -0.67 11.85 6.08
C ARG B 180 -0.27 12.73 4.90
N GLY B 181 -0.57 14.02 4.91
CA GLY B 181 -0.04 14.86 3.84
C GLY B 181 -0.63 16.24 3.81
N VAL B 182 -0.33 16.93 2.70
CA VAL B 182 -0.86 18.25 2.41
C VAL B 182 -2.10 18.06 1.58
N GLU B 183 -3.18 18.74 1.94
CA GLU B 183 -4.49 18.53 1.34
C GLU B 183 -4.93 19.68 0.45
N ILE B 184 -5.85 19.40 -0.45
CA ILE B 184 -6.66 20.47 -1.05
C ILE B 184 -7.71 20.85 0.01
N SER B 185 -7.99 22.13 0.14
CA SER B 185 -8.99 22.55 1.10
C SER B 185 -10.33 22.05 0.66
N ASN B 186 -11.24 21.85 1.61
CA ASN B 186 -12.56 21.42 1.24
C ASN B 186 -13.34 22.46 0.41
N GLU B 187 -13.11 23.75 0.68
N GLU B 187 -13.09 23.74 0.65
CA GLU B 187 -13.64 24.84 -0.15
CA GLU B 187 -13.71 24.79 -0.15
C GLU B 187 -13.23 24.64 -1.61
C GLU B 187 -13.23 24.71 -1.61
N ALA B 188 -11.92 24.54 -1.82
CA ALA B 188 -11.37 24.40 -3.18
C ALA B 188 -11.85 23.14 -3.89
N LEU B 189 -11.92 22.03 -3.17
CA LEU B 189 -12.39 20.78 -3.74
C LEU B 189 -13.82 20.89 -4.20
N LYS B 190 -14.67 21.50 -3.37
N LYS B 190 -14.66 21.51 -3.38
CA LYS B 190 -16.06 21.75 -3.76
CA LYS B 190 -16.05 21.75 -3.75
C LYS B 190 -16.13 22.57 -5.04
C LYS B 190 -16.14 22.58 -5.03
N GLU B 191 -15.33 23.64 -5.11
CA GLU B 191 -15.35 24.55 -6.26
C GLU B 191 -14.87 23.88 -7.55
N ILE B 192 -13.78 23.09 -7.48
CA ILE B 192 -13.33 22.43 -8.71
C ILE B 192 -14.28 21.31 -9.15
N MET B 193 -14.90 20.64 -8.18
CA MET B 193 -15.83 19.55 -8.48
C MET B 193 -17.12 20.04 -9.12
N THR B 194 -17.60 21.20 -8.69
CA THR B 194 -18.91 21.70 -9.11
C THR B 194 -18.85 22.76 -10.21
N ASP B 195 -17.65 23.09 -10.67
CA ASP B 195 -17.46 24.01 -11.77
C ASP B 195 -18.21 23.54 -13.02
N GLU B 196 -18.79 24.50 -13.76
N GLU B 196 -18.78 24.50 -13.76
CA GLU B 196 -19.53 24.19 -14.98
CA GLU B 196 -19.53 24.18 -14.99
C GLU B 196 -18.72 23.45 -16.05
C GLU B 196 -18.71 23.45 -16.07
N GLU B 197 -17.39 23.61 -16.04
CA GLU B 197 -16.50 23.00 -17.04
C GLU B 197 -15.97 21.63 -16.60
N THR B 198 -16.27 21.24 -15.37
CA THR B 198 -15.97 19.88 -14.91
C THR B 198 -17.03 18.94 -15.47
N MET B 199 -16.61 17.76 -15.90
CA MET B 199 -17.52 16.74 -16.44
C MET B 199 -17.58 15.60 -15.45
N SER B 200 -18.67 14.84 -15.47
CA SER B 200 -18.82 13.72 -14.57
C SER B 200 -19.71 12.65 -15.13
N ILE B 201 -19.50 11.45 -14.57
CA ILE B 201 -20.36 10.31 -14.73
C ILE B 201 -20.87 9.96 -13.33
N LYS B 202 -22.18 10.02 -13.14
N LYS B 202 -22.18 10.01 -13.13
CA LYS B 202 -22.80 9.62 -11.89
CA LYS B 202 -22.74 9.66 -11.84
C LYS B 202 -22.63 8.13 -11.69
C LYS B 202 -22.71 8.15 -11.66
N ILE B 203 -22.37 7.69 -10.46
CA ILE B 203 -22.25 6.29 -10.14
C ILE B 203 -23.12 5.96 -8.93
N GLU B 204 -23.95 4.94 -9.07
N GLU B 204 -23.95 4.94 -9.06
CA GLU B 204 -24.64 4.32 -7.95
CA GLU B 204 -24.62 4.38 -7.91
C GLU B 204 -23.77 3.18 -7.43
C GLU B 204 -23.78 3.20 -7.42
N TRP B 205 -23.19 3.38 -6.24
CA TRP B 205 -22.20 2.46 -5.71
C TRP B 205 -22.89 1.30 -5.01
N LYS B 206 -23.43 0.39 -5.81
N LYS B 206 -23.42 0.38 -5.79
CA LYS B 206 -24.11 -0.79 -5.29
CA LYS B 206 -24.13 -0.76 -5.23
C LYS B 206 -23.14 -1.93 -5.07
C LYS B 206 -23.21 -1.97 -5.09
N LYS B 207 -23.20 -2.56 -3.89
CA LYS B 207 -22.34 -3.70 -3.60
C LYS B 207 -22.92 -4.98 -4.16
N THR B 208 -22.02 -5.90 -4.48
CA THR B 208 -22.33 -7.16 -5.12
C THR B 208 -21.99 -8.25 -4.11
N ASN B 209 -22.63 -9.41 -4.23
N ASN B 209 -22.63 -9.41 -4.23
CA ASN B 209 -22.26 -10.56 -3.42
CA ASN B 209 -22.26 -10.55 -3.41
C ASN B 209 -21.04 -11.24 -4.04
C ASN B 209 -20.99 -11.19 -3.98
N VAL B 210 -19.91 -11.14 -3.36
N VAL B 210 -19.87 -10.63 -3.54
CA VAL B 210 -18.68 -11.74 -3.83
CA VAL B 210 -18.55 -11.06 -3.94
C VAL B 210 -17.87 -12.28 -2.67
C VAL B 210 -17.73 -11.21 -2.66
N GLN B 211 -17.58 -13.58 -2.71
N GLN B 211 -17.10 -12.36 -2.50
CA GLN B 211 -16.83 -14.21 -1.65
CA GLN B 211 -16.31 -12.65 -1.30
C GLN B 211 -15.34 -14.27 -1.99
C GLN B 211 -14.87 -12.88 -1.67
N TYR B 212 -14.52 -14.10 -0.96
N TYR B 212 -13.97 -12.60 -0.74
CA TYR B 212 -13.09 -14.00 -1.16
CA TYR B 212 -12.56 -12.92 -0.92
C TYR B 212 -12.35 -14.07 0.16
C TYR B 212 -11.84 -13.23 0.38
N ASN B 213 -11.23 -14.78 0.16
N ASN B 213 -11.23 -14.40 0.46
CA ASN B 213 -10.35 -14.86 1.31
CA ASN B 213 -10.30 -14.74 1.51
C ASN B 213 -8.93 -14.52 0.87
C ASN B 213 -8.91 -14.50 0.96
N ALA B 214 -8.34 -13.48 1.45
N ALA B 214 -8.24 -13.45 1.42
CA ALA B 214 -7.02 -12.96 1.01
CA ALA B 214 -6.98 -13.04 0.80
C ALA B 214 -5.90 -13.98 1.16
C ALA B 214 -5.76 -13.84 1.29
N PHE B 215 -5.98 -14.79 2.20
CA PHE B 215 -4.90 -15.73 2.58
C PHE B 215 -4.90 -17.05 1.81
N LYS B 216 -6.05 -17.45 1.28
N LYS B 216 -6.05 -17.44 1.28
CA LYS B 216 -6.20 -18.76 0.66
CA LYS B 216 -6.20 -18.76 0.67
C LYS B 216 -5.18 -19.03 -0.43
C LYS B 216 -5.19 -19.04 -0.43
N ARG B 217 -5.01 -18.09 -1.36
N ARG B 217 -5.01 -18.11 -1.34
CA ARG B 217 -4.05 -18.25 -2.43
CA ARG B 217 -4.07 -18.32 -2.43
C ARG B 217 -2.71 -18.69 -1.87
C ARG B 217 -2.68 -18.66 -1.91
N TRP B 218 -2.26 -17.99 -0.83
CA TRP B 218 -0.90 -18.13 -0.31
C TRP B 218 -0.75 -19.38 0.55
N VAL B 219 -1.76 -19.70 1.35
CA VAL B 219 -1.75 -20.97 2.09
C VAL B 219 -1.63 -22.11 1.07
N ASP B 220 -2.40 -22.01 -0.01
CA ASP B 220 -2.41 -23.09 -1.02
C ASP B 220 -1.05 -23.22 -1.70
N LEU B 221 -0.40 -22.09 -2.00
CA LEU B 221 0.95 -22.11 -2.57
C LEU B 221 1.98 -22.69 -1.59
N TRP B 222 1.86 -22.40 -0.31
CA TRP B 222 2.76 -23.04 0.66
C TRP B 222 2.64 -24.56 0.64
N SER B 223 1.41 -25.04 0.60
CA SER B 223 1.16 -26.47 0.51
C SER B 223 1.72 -27.06 -0.79
N GLU B 224 1.53 -26.36 -1.91
CA GLU B 224 2.00 -26.85 -3.21
C GLU B 224 3.51 -26.77 -3.36
N GLY B 225 4.16 -25.87 -2.64
CA GLY B 225 5.53 -25.50 -2.91
C GLY B 225 6.56 -26.56 -2.68
#